data_7W1K
#
_entry.id   7W1K
#
_cell.length_a   45.277
_cell.length_b   112.961
_cell.length_c   54.780
_cell.angle_alpha   90.000
_cell.angle_beta   106.040
_cell.angle_gamma   90.000
#
_symmetry.space_group_name_H-M   'P 1 21 1'
#
loop_
_entity.id
_entity.type
_entity.pdbx_description
1 polymer Carboxylesterase
2 water water
#
_entity_poly.entity_id   1
_entity_poly.type   'polypeptide(L)'
_entity_poly.pdbx_seq_one_letter_code
;MEIVIRTGSGDVRGSKENGIAVFRGIPYAEPPVGAHRFTAPRPPRPWDGVRDATEFSATAPRPPYPEAIGALLIERFIPG
DDYLTLNVWTPDPNAVGLPVMVWIHGGAFTNGSGSEPVYDGAAFARDGVVFVSFNYRLGIIGFADLPDAPSNRGLLDQIA
ALEWVRDNIARFGGDPGNVTVFGESAGAMSVCTLMATPRARGLFRRAILQSGAGNMAVAAEDATTIAAVIAHRLGVEPTA
AALAHVPVAQLLDVQQQVAQEIQGAPDPAVWGERIAGGSVLLPFAPVIDGELLSQRPAEAIAGGAGHDVDLLFGTTTDEY
RLFLAPTGLLPFITSDYVTAHLAKSGLDADAAKAYTAEGRGEEPGDILASIITDQVFRIPALRIAESRVDAPARTFGYEF
AWRTPQLDGILGACHAVELPFVFRTLDRAASLVGTNPPEELAETVHNAWVRFATSGDPGWPAWNPETRSVMRFDHPVSEM
VTDPYPATRALWDGVPL
;
_entity_poly.pdbx_strand_id   A
#
# COMPACT_ATOMS: atom_id res chain seq x y z
N MET A 1 -31.77 10.69 -10.21
CA MET A 1 -30.62 10.24 -9.45
C MET A 1 -29.69 9.32 -10.25
N GLU A 2 -30.25 8.60 -11.23
CA GLU A 2 -29.41 7.77 -12.08
C GLU A 2 -28.57 8.63 -13.02
N ILE A 3 -27.36 8.14 -13.32
CA ILE A 3 -26.47 8.80 -14.28
C ILE A 3 -25.75 7.72 -15.06
N VAL A 4 -25.88 7.76 -16.39
CA VAL A 4 -25.37 6.73 -17.27
C VAL A 4 -24.20 7.29 -18.06
N ILE A 5 -23.04 6.64 -17.96
CA ILE A 5 -21.83 7.05 -18.65
C ILE A 5 -21.32 5.88 -19.48
N ARG A 6 -20.80 6.18 -20.66
CA ARG A 6 -20.21 5.16 -21.53
C ARG A 6 -18.79 4.84 -21.08
N THR A 7 -18.50 3.54 -20.94
CA THR A 7 -17.13 3.14 -20.69
C THR A 7 -16.54 2.52 -21.95
N GLY A 8 -15.59 1.60 -21.80
CA GLY A 8 -15.02 0.91 -22.94
C GLY A 8 -15.70 -0.41 -23.20
N SER A 9 -16.28 -1.01 -22.17
CA SER A 9 -17.04 -2.23 -22.29
C SER A 9 -18.55 -2.00 -22.37
N GLY A 10 -19.00 -0.75 -22.36
CA GLY A 10 -20.43 -0.45 -22.41
C GLY A 10 -20.87 0.63 -21.45
N ASP A 11 -22.17 0.91 -21.43
CA ASP A 11 -22.73 1.92 -20.54
C ASP A 11 -22.80 1.39 -19.11
N VAL A 12 -22.56 2.28 -18.14
CA VAL A 12 -22.71 1.95 -16.74
C VAL A 12 -23.64 2.96 -16.10
N ARG A 13 -24.42 2.50 -15.12
CA ARG A 13 -25.36 3.33 -14.37
C ARG A 13 -24.83 3.54 -12.96
N GLY A 14 -24.46 4.78 -12.65
CA GLY A 14 -24.16 5.19 -11.30
C GLY A 14 -25.29 6.01 -10.70
N SER A 15 -24.94 6.73 -9.67
CA SER A 15 -25.95 7.53 -8.94
C SER A 15 -25.40 8.91 -8.59
N LYS A 16 -26.26 9.90 -8.65
CA LYS A 16 -25.85 11.22 -8.16
C LYS A 16 -26.13 11.26 -6.65
N GLU A 17 -25.09 11.48 -5.85
CA GLU A 17 -25.22 11.50 -4.38
C GLU A 17 -24.78 12.88 -3.89
N ASN A 18 -25.70 13.86 -3.87
CA ASN A 18 -25.46 15.23 -3.31
C ASN A 18 -24.39 16.02 -4.08
N GLY A 19 -24.62 16.31 -5.36
CA GLY A 19 -23.65 17.03 -6.20
C GLY A 19 -22.47 16.16 -6.61
N ILE A 20 -22.51 14.88 -6.26
CA ILE A 20 -21.38 13.95 -6.59
C ILE A 20 -21.96 12.80 -7.39
N ALA A 21 -21.30 12.42 -8.47
CA ALA A 21 -21.67 11.23 -9.21
C ALA A 21 -20.76 10.08 -8.81
N VAL A 22 -21.36 8.96 -8.41
CA VAL A 22 -20.63 7.82 -7.86
C VAL A 22 -20.94 6.60 -8.69
N PHE A 23 -19.90 5.84 -9.03
CA PHE A 23 -20.01 4.61 -9.80
C PHE A 23 -19.24 3.55 -9.03
N ARG A 24 -19.90 2.43 -8.72
CA ARG A 24 -19.29 1.38 -7.91
C ARG A 24 -19.30 0.07 -8.70
N GLY A 25 -18.19 -0.65 -8.62
CA GLY A 25 -18.13 -1.97 -9.24
C GLY A 25 -18.11 -2.00 -10.75
N ILE A 26 -17.50 -1.01 -11.40
CA ILE A 26 -17.26 -1.07 -12.85
C ILE A 26 -16.23 -2.16 -13.10
N PRO A 27 -16.52 -3.20 -13.88
CA PRO A 27 -15.51 -4.24 -14.11
C PRO A 27 -14.38 -3.70 -14.99
N TYR A 28 -13.13 -3.99 -14.59
CA TYR A 28 -12.02 -3.73 -15.49
C TYR A 28 -11.33 -5.00 -15.99
N ALA A 29 -11.64 -6.16 -15.39
CA ALA A 29 -11.12 -7.43 -15.87
C ALA A 29 -12.16 -8.51 -15.63
N GLU A 30 -12.16 -9.51 -16.50
CA GLU A 30 -13.06 -10.64 -16.36
C GLU A 30 -12.81 -11.37 -15.04
N PRO A 31 -13.82 -12.01 -14.47
CA PRO A 31 -13.64 -12.71 -13.19
C PRO A 31 -12.51 -13.71 -13.25
N PRO A 32 -11.57 -13.63 -12.30
CA PRO A 32 -10.39 -14.52 -12.32
C PRO A 32 -10.67 -15.86 -11.67
N VAL A 33 -11.53 -16.68 -12.30
CA VAL A 33 -12.01 -17.91 -11.70
C VAL A 33 -11.27 -19.11 -12.28
N GLY A 34 -11.01 -20.10 -11.42
CA GLY A 34 -10.38 -21.33 -11.89
C GLY A 34 -8.99 -21.07 -12.45
N ALA A 35 -8.75 -21.55 -13.68
CA ALA A 35 -7.47 -21.29 -14.33
C ALA A 35 -7.19 -19.80 -14.43
N HIS A 36 -8.24 -18.99 -14.52
CA HIS A 36 -8.08 -17.54 -14.64
C HIS A 36 -7.72 -16.87 -13.34
N ARG A 37 -7.63 -17.62 -12.23
CA ARG A 37 -6.92 -17.10 -11.07
C ARG A 37 -5.53 -16.63 -11.46
N PHE A 38 -4.89 -17.32 -12.40
CA PHE A 38 -3.46 -17.17 -12.64
C PHE A 38 -3.13 -16.56 -14.00
N THR A 39 -4.13 -16.22 -14.82
CA THR A 39 -3.83 -15.64 -16.10
C THR A 39 -3.77 -14.10 -16.01
N ALA A 40 -3.19 -13.49 -17.03
CA ALA A 40 -3.18 -12.04 -17.11
C ALA A 40 -4.63 -11.53 -17.11
N PRO A 41 -4.88 -10.35 -16.55
CA PRO A 41 -6.25 -9.81 -16.54
C PRO A 41 -6.78 -9.66 -17.96
N ARG A 42 -8.03 -10.05 -18.16
CA ARG A 42 -8.64 -9.98 -19.47
C ARG A 42 -9.70 -8.90 -19.48
N PRO A 43 -9.70 -7.99 -20.46
CA PRO A 43 -10.70 -6.93 -20.47
C PRO A 43 -12.10 -7.52 -20.48
N PRO A 44 -13.05 -6.85 -19.83
CA PRO A 44 -14.37 -7.45 -19.63
C PRO A 44 -15.07 -7.67 -20.96
N ARG A 45 -15.85 -8.75 -21.00
CA ARG A 45 -16.69 -9.03 -22.14
C ARG A 45 -17.62 -7.84 -22.34
N PRO A 46 -17.54 -7.15 -23.49
CA PRO A 46 -18.39 -5.98 -23.72
C PRO A 46 -19.87 -6.38 -23.67
N TRP A 47 -20.70 -5.38 -23.38
CA TRP A 47 -22.12 -5.60 -23.20
C TRP A 47 -22.90 -4.50 -23.91
N ASP A 48 -24.08 -4.86 -24.38
CA ASP A 48 -25.04 -3.85 -24.83
C ASP A 48 -25.93 -3.49 -23.65
N GLY A 49 -26.61 -2.36 -23.78
CA GLY A 49 -27.43 -1.89 -22.69
C GLY A 49 -26.59 -1.30 -21.57
N VAL A 50 -27.20 -1.25 -20.39
CA VAL A 50 -26.63 -0.54 -19.24
C VAL A 50 -26.37 -1.55 -18.13
N ARG A 51 -25.12 -1.63 -17.68
CA ARG A 51 -24.78 -2.46 -16.54
C ARG A 51 -24.84 -1.60 -15.28
N ASP A 52 -25.46 -2.12 -14.24
CA ASP A 52 -25.58 -1.38 -12.99
C ASP A 52 -24.22 -1.22 -12.33
N ALA A 53 -23.92 0.00 -11.92
CA ALA A 53 -22.71 0.33 -11.17
C ALA A 53 -23.07 1.16 -9.96
N THR A 54 -24.05 0.68 -9.17
CA THR A 54 -24.49 1.38 -7.98
C THR A 54 -24.01 0.74 -6.69
N GLU A 55 -23.49 -0.50 -6.74
CA GLU A 55 -23.08 -1.23 -5.55
C GLU A 55 -21.66 -1.73 -5.73
N PHE A 56 -20.91 -1.73 -4.63
CA PHE A 56 -19.56 -2.28 -4.67
C PHE A 56 -19.63 -3.76 -5.02
N SER A 57 -18.66 -4.21 -5.81
CA SER A 57 -18.55 -5.60 -6.20
C SER A 57 -17.98 -6.45 -5.07
N ALA A 58 -17.98 -7.76 -5.32
CA ALA A 58 -17.17 -8.70 -4.54
C ALA A 58 -15.74 -8.18 -4.38
N THR A 59 -15.12 -8.58 -3.28
CA THR A 59 -13.72 -8.29 -3.00
C THR A 59 -12.88 -9.55 -3.18
N ALA A 60 -11.55 -9.38 -3.23
CA ALA A 60 -10.67 -10.50 -3.52
C ALA A 60 -10.61 -11.46 -2.34
N PRO A 61 -10.36 -12.76 -2.59
CA PRO A 61 -10.25 -13.72 -1.49
C PRO A 61 -9.14 -13.31 -0.53
N ARG A 62 -9.45 -13.23 0.76
CA ARG A 62 -8.44 -12.91 1.76
C ARG A 62 -8.73 -13.65 3.04
N PRO A 63 -7.69 -14.03 3.78
CA PRO A 63 -7.88 -14.56 5.13
C PRO A 63 -8.14 -13.42 6.10
N PRO A 64 -8.67 -13.70 7.28
CA PRO A 64 -8.75 -12.64 8.29
C PRO A 64 -7.38 -12.12 8.68
N TYR A 65 -7.33 -10.85 9.06
CA TYR A 65 -6.13 -10.32 9.68
C TYR A 65 -5.86 -11.06 10.99
N PRO A 66 -4.60 -11.14 11.42
CA PRO A 66 -4.31 -11.65 12.77
C PRO A 66 -5.16 -10.92 13.79
N GLU A 67 -5.55 -11.63 14.86
CA GLU A 67 -6.60 -11.15 15.77
C GLU A 67 -6.31 -9.74 16.30
N ALA A 68 -5.10 -9.50 16.77
CA ALA A 68 -4.80 -8.19 17.35
C ALA A 68 -4.89 -7.09 16.31
N ILE A 69 -4.25 -7.30 15.15
CA ILE A 69 -4.36 -6.35 14.04
C ILE A 69 -5.82 -6.15 13.65
N GLY A 70 -6.57 -7.25 13.53
CA GLY A 70 -7.92 -7.19 12.99
C GLY A 70 -8.91 -6.44 13.86
N ALA A 71 -8.67 -6.36 15.17
CA ALA A 71 -9.55 -5.52 15.99
C ALA A 71 -9.35 -4.04 15.70
N LEU A 72 -8.15 -3.65 15.32
CA LEU A 72 -7.87 -2.27 14.98
C LEU A 72 -8.20 -1.96 13.53
N LEU A 73 -7.98 -2.91 12.64
CA LEU A 73 -8.20 -2.73 11.20
C LEU A 73 -9.35 -3.66 10.79
N ILE A 74 -10.57 -3.12 10.81
CA ILE A 74 -11.78 -3.91 10.57
C ILE A 74 -12.14 -3.91 9.09
N GLU A 75 -12.01 -5.07 8.45
CA GLU A 75 -12.23 -5.18 7.02
C GLU A 75 -13.68 -5.50 6.70
N ARG A 76 -14.12 -5.05 5.53
CA ARG A 76 -15.46 -5.32 5.03
C ARG A 76 -15.34 -6.24 3.81
N PHE A 77 -15.72 -7.51 3.99
CA PHE A 77 -15.65 -8.49 2.91
C PHE A 77 -16.96 -8.45 2.12
N ILE A 78 -16.86 -8.57 0.80
CA ILE A 78 -18.02 -8.65 -0.08
C ILE A 78 -17.92 -9.93 -0.89
N PRO A 79 -18.90 -10.84 -0.81
CA PRO A 79 -18.75 -12.15 -1.46
C PRO A 79 -18.93 -12.08 -2.97
N GLY A 80 -18.35 -13.04 -3.65
CA GLY A 80 -18.53 -13.22 -5.08
C GLY A 80 -17.20 -13.41 -5.80
N ASP A 81 -17.32 -13.71 -7.09
CA ASP A 81 -16.16 -13.99 -7.94
C ASP A 81 -15.78 -12.83 -8.84
N ASP A 82 -16.66 -11.87 -9.03
CA ASP A 82 -16.45 -10.80 -10.00
C ASP A 82 -15.87 -9.59 -9.26
N TYR A 83 -14.60 -9.70 -8.89
CA TYR A 83 -14.01 -8.75 -7.98
C TYR A 83 -12.98 -7.80 -8.59
N LEU A 84 -12.60 -7.97 -9.85
CA LEU A 84 -11.67 -7.06 -10.49
C LEU A 84 -12.43 -5.88 -11.07
N THR A 85 -12.86 -5.02 -10.15
CA THR A 85 -13.68 -3.86 -10.47
C THR A 85 -13.09 -2.61 -9.86
N LEU A 86 -13.58 -1.47 -10.33
CA LEU A 86 -13.15 -0.18 -9.84
C LEU A 86 -14.36 0.72 -9.60
N ASN A 87 -14.12 1.77 -8.83
CA ASN A 87 -15.16 2.69 -8.37
C ASN A 87 -14.69 4.11 -8.64
N VAL A 88 -15.61 4.98 -9.08
CA VAL A 88 -15.26 6.33 -9.50
C VAL A 88 -16.19 7.32 -8.80
N TRP A 89 -15.62 8.34 -8.16
CA TRP A 89 -16.36 9.48 -7.67
C TRP A 89 -15.92 10.70 -8.46
N THR A 90 -16.87 11.44 -9.03
CA THR A 90 -16.56 12.66 -9.74
C THR A 90 -17.61 13.72 -9.43
N PRO A 91 -17.22 14.99 -9.31
CA PRO A 91 -18.25 16.03 -9.11
C PRO A 91 -19.14 16.18 -10.33
N ASP A 92 -18.64 15.90 -11.53
CA ASP A 92 -19.43 16.01 -12.76
C ASP A 92 -18.69 15.34 -13.90
N PRO A 93 -19.28 14.30 -14.50
CA PRO A 93 -18.63 13.66 -15.66
C PRO A 93 -18.36 14.61 -16.82
N ASN A 94 -19.04 15.75 -16.89
CA ASN A 94 -18.83 16.71 -17.97
C ASN A 94 -17.77 17.76 -17.66
N ALA A 95 -17.13 17.69 -16.50
CA ALA A 95 -16.07 18.62 -16.18
C ALA A 95 -14.90 18.45 -17.15
N VAL A 96 -14.05 19.46 -17.21
CA VAL A 96 -12.93 19.51 -18.15
C VAL A 96 -11.64 19.35 -17.35
N GLY A 97 -11.00 18.19 -17.51
CA GLY A 97 -9.59 18.06 -17.14
C GLY A 97 -9.28 18.06 -15.66
N LEU A 98 -10.15 17.47 -14.83
CA LEU A 98 -9.96 17.47 -13.39
C LEU A 98 -8.78 16.57 -13.02
N PRO A 99 -8.08 16.89 -11.94
CA PRO A 99 -7.09 15.95 -11.40
C PRO A 99 -7.76 14.63 -11.09
N VAL A 100 -7.02 13.55 -11.31
CA VAL A 100 -7.49 12.20 -11.05
C VAL A 100 -6.57 11.58 -10.03
N MET A 101 -7.15 11.01 -8.97
CA MET A 101 -6.40 10.28 -7.96
C MET A 101 -6.84 8.82 -7.99
N VAL A 102 -5.86 7.92 -8.10
CA VAL A 102 -6.11 6.48 -8.19
C VAL A 102 -5.48 5.83 -6.97
N TRP A 103 -6.33 5.24 -6.12
CA TRP A 103 -5.92 4.66 -4.86
C TRP A 103 -5.61 3.17 -5.00
N ILE A 104 -4.45 2.76 -4.51
CA ILE A 104 -4.06 1.35 -4.41
C ILE A 104 -4.02 1.00 -2.93
N HIS A 105 -4.96 0.17 -2.48
CA HIS A 105 -5.06 -0.15 -1.07
C HIS A 105 -3.88 -0.98 -0.59
N GLY A 106 -3.60 -0.86 0.71
CA GLY A 106 -2.64 -1.71 1.37
C GLY A 106 -3.27 -2.95 1.97
N GLY A 107 -2.50 -3.65 2.78
CA GLY A 107 -2.92 -4.93 3.29
C GLY A 107 -1.92 -6.07 3.15
N ALA A 108 -0.62 -5.76 3.13
CA ALA A 108 0.44 -6.75 3.12
C ALA A 108 0.41 -7.67 1.90
N PHE A 109 -0.26 -7.24 0.82
CA PHE A 109 -0.46 -8.01 -0.40
C PHE A 109 -1.36 -9.21 -0.23
N THR A 110 -1.94 -9.41 0.95
CA THR A 110 -2.85 -10.51 1.23
C THR A 110 -4.23 -10.04 1.59
N ASN A 111 -4.39 -8.78 2.00
CA ASN A 111 -5.63 -8.27 2.56
C ASN A 111 -5.96 -6.94 1.90
N GLY A 112 -7.09 -6.36 2.33
CA GLY A 112 -7.54 -5.08 1.82
C GLY A 112 -8.47 -5.22 0.63
N SER A 113 -9.06 -4.09 0.28
CA SER A 113 -9.87 -3.97 -0.94
C SER A 113 -9.96 -2.49 -1.25
N GLY A 114 -10.35 -2.18 -2.49
CA GLY A 114 -10.54 -0.80 -2.85
C GLY A 114 -11.77 -0.19 -2.22
N SER A 115 -12.72 -1.01 -1.78
CA SER A 115 -14.05 -0.55 -1.39
C SER A 115 -14.23 -0.45 0.13
N GLU A 116 -13.17 -0.60 0.91
CA GLU A 116 -13.32 -0.46 2.36
C GLU A 116 -13.94 0.90 2.65
N PRO A 117 -14.82 0.99 3.64
CA PRO A 117 -15.49 2.28 3.91
C PRO A 117 -14.54 3.44 4.15
N VAL A 118 -13.38 3.20 4.78
CA VAL A 118 -12.41 4.26 5.03
C VAL A 118 -11.86 4.87 3.75
N TYR A 119 -11.92 4.15 2.62
CA TYR A 119 -11.39 4.66 1.37
C TYR A 119 -12.46 5.35 0.52
N ASP A 120 -13.53 5.84 1.14
CA ASP A 120 -14.60 6.49 0.40
C ASP A 120 -14.05 7.69 -0.37
N GLY A 121 -14.44 7.82 -1.64
CA GLY A 121 -13.89 8.88 -2.45
C GLY A 121 -14.64 10.20 -2.44
N ALA A 122 -15.74 10.30 -1.68
CA ALA A 122 -16.63 11.45 -1.81
C ALA A 122 -15.93 12.76 -1.46
N ALA A 123 -15.09 12.77 -0.42
CA ALA A 123 -14.46 14.03 -0.02
C ALA A 123 -13.47 14.53 -1.07
N PHE A 124 -12.88 13.63 -1.85
CA PHE A 124 -12.05 14.07 -2.97
C PHE A 124 -12.89 14.67 -4.08
N ALA A 125 -14.01 14.02 -4.43
CA ALA A 125 -14.85 14.56 -5.49
C ALA A 125 -15.44 15.91 -5.10
N ARG A 126 -15.80 16.09 -3.82
CA ARG A 126 -16.34 17.36 -3.37
C ARG A 126 -15.32 18.47 -3.53
N ASP A 127 -14.03 18.13 -3.52
CA ASP A 127 -12.96 19.10 -3.67
C ASP A 127 -12.45 19.25 -5.10
N GLY A 128 -13.18 18.70 -6.08
CA GLY A 128 -12.84 18.91 -7.47
C GLY A 128 -11.87 17.90 -8.05
N VAL A 129 -11.74 16.73 -7.43
CA VAL A 129 -10.84 15.69 -7.90
C VAL A 129 -11.67 14.46 -8.24
N VAL A 130 -11.36 13.83 -9.37
CA VAL A 130 -11.95 12.54 -9.68
C VAL A 130 -11.16 11.48 -8.94
N PHE A 131 -11.86 10.63 -8.18
CA PHE A 131 -11.21 9.63 -7.35
C PHE A 131 -11.57 8.23 -7.83
N VAL A 132 -10.57 7.36 -7.95
CA VAL A 132 -10.76 5.98 -8.38
C VAL A 132 -10.13 5.04 -7.37
N SER A 133 -10.88 4.00 -6.97
CA SER A 133 -10.34 2.90 -6.18
C SER A 133 -10.68 1.59 -6.89
N PHE A 134 -9.99 0.52 -6.51
CA PHE A 134 -10.14 -0.74 -7.24
C PHE A 134 -9.60 -1.90 -6.42
N ASN A 135 -10.02 -3.11 -6.79
CA ASN A 135 -9.48 -4.33 -6.22
C ASN A 135 -8.50 -4.96 -7.21
N TYR A 136 -7.47 -5.60 -6.66
CA TYR A 136 -6.47 -6.35 -7.41
C TYR A 136 -6.26 -7.70 -6.72
N ARG A 137 -5.75 -8.68 -7.46
CA ARG A 137 -5.58 -10.01 -6.89
C ARG A 137 -4.54 -10.01 -5.78
N LEU A 138 -4.78 -10.86 -4.77
CA LEU A 138 -4.06 -10.85 -3.50
C LEU A 138 -3.51 -12.24 -3.20
N GLY A 139 -2.48 -12.28 -2.37
CA GLY A 139 -2.05 -13.55 -1.81
C GLY A 139 -1.48 -14.50 -2.85
N ILE A 140 -1.79 -15.78 -2.67
CA ILE A 140 -1.32 -16.80 -3.63
C ILE A 140 -1.81 -16.47 -5.04
N ILE A 141 -3.11 -16.20 -5.17
CA ILE A 141 -3.68 -15.89 -6.48
C ILE A 141 -3.00 -14.69 -7.10
N GLY A 142 -2.77 -13.64 -6.32
CA GLY A 142 -2.15 -12.45 -6.85
C GLY A 142 -0.67 -12.56 -7.14
N PHE A 143 0.09 -13.29 -6.31
CA PHE A 143 1.54 -13.12 -6.32
C PHE A 143 2.39 -14.38 -6.19
N ALA A 144 1.83 -15.55 -5.89
CA ALA A 144 2.68 -16.75 -5.83
C ALA A 144 3.27 -17.01 -7.21
N ASP A 145 4.57 -17.29 -7.25
CA ASP A 145 5.23 -17.49 -8.54
C ASP A 145 5.15 -18.94 -8.97
N LEU A 146 4.72 -19.14 -10.21
CA LEU A 146 4.47 -20.47 -10.77
C LEU A 146 5.07 -20.51 -12.18
N PRO A 147 5.67 -21.64 -12.58
CA PRO A 147 6.34 -21.68 -13.88
C PRO A 147 5.40 -21.57 -15.06
N ASP A 148 4.11 -21.86 -14.87
CA ASP A 148 3.14 -21.85 -15.95
C ASP A 148 2.12 -20.74 -15.80
N ALA A 149 2.48 -19.64 -15.13
CA ALA A 149 1.60 -18.49 -15.01
C ALA A 149 2.45 -17.24 -15.09
N PRO A 150 1.92 -16.17 -15.69
CA PRO A 150 2.62 -14.88 -15.61
C PRO A 150 2.80 -14.49 -14.15
N SER A 151 3.96 -13.93 -13.85
CA SER A 151 4.23 -13.49 -12.49
C SER A 151 3.41 -12.25 -12.13
N ASN A 152 3.14 -12.11 -10.84
CA ASN A 152 2.62 -10.85 -10.30
C ASN A 152 1.29 -10.44 -10.92
N ARG A 153 0.31 -11.36 -10.87
CA ARG A 153 -1.03 -11.03 -11.37
C ARG A 153 -1.58 -9.76 -10.72
N GLY A 154 -1.36 -9.58 -9.41
CA GLY A 154 -1.90 -8.40 -8.76
C GLY A 154 -1.31 -7.11 -9.29
N LEU A 155 -0.03 -7.14 -9.68
CA LEU A 155 0.58 -5.98 -10.33
C LEU A 155 0.01 -5.78 -11.72
N LEU A 156 -0.18 -6.87 -12.48
CA LEU A 156 -0.83 -6.75 -13.78
C LEU A 156 -2.22 -6.14 -13.63
N ASP A 157 -2.94 -6.49 -12.56
CA ASP A 157 -4.27 -5.95 -12.32
C ASP A 157 -4.20 -4.45 -12.07
N GLN A 158 -3.24 -4.01 -11.26
CA GLN A 158 -3.06 -2.58 -11.01
C GLN A 158 -2.77 -1.84 -12.31
N ILE A 159 -1.93 -2.42 -13.17
CA ILE A 159 -1.67 -1.82 -14.48
C ILE A 159 -2.95 -1.75 -15.30
N ALA A 160 -3.74 -2.84 -15.32
CA ALA A 160 -4.99 -2.84 -16.07
C ALA A 160 -5.96 -1.79 -15.57
N ALA A 161 -6.05 -1.60 -14.24
CA ALA A 161 -6.93 -0.55 -13.71
C ALA A 161 -6.44 0.83 -14.13
N LEU A 162 -5.13 1.05 -14.07
CA LEU A 162 -4.58 2.34 -14.48
C LEU A 162 -4.78 2.58 -15.97
N GLU A 163 -4.71 1.51 -16.79
CA GLU A 163 -5.01 1.65 -18.21
C GLU A 163 -6.48 1.98 -18.42
N TRP A 164 -7.38 1.39 -17.61
CA TRP A 164 -8.79 1.76 -17.69
C TRP A 164 -8.96 3.25 -17.43
N VAL A 165 -8.26 3.78 -16.42
CA VAL A 165 -8.35 5.20 -16.13
C VAL A 165 -7.86 6.00 -17.33
N ARG A 166 -6.71 5.62 -17.88
CA ARG A 166 -6.19 6.33 -19.04
C ARG A 166 -7.22 6.37 -20.16
N ASP A 167 -7.92 5.27 -20.38
CA ASP A 167 -8.76 5.12 -21.56
C ASP A 167 -10.20 5.58 -21.34
N ASN A 168 -10.62 5.78 -20.09
CA ASN A 168 -12.01 6.12 -19.78
C ASN A 168 -12.21 7.36 -18.92
N ILE A 169 -11.19 7.84 -18.21
CA ILE A 169 -11.48 8.82 -17.16
C ILE A 169 -11.96 10.15 -17.71
N ALA A 170 -11.64 10.50 -18.96
CA ALA A 170 -12.14 11.75 -19.52
C ALA A 170 -13.67 11.75 -19.59
N ARG A 171 -14.28 10.58 -19.75
CA ARG A 171 -15.73 10.52 -19.75
C ARG A 171 -16.32 10.68 -18.36
N PHE A 172 -15.47 10.75 -17.33
CA PHE A 172 -15.89 10.99 -15.96
C PHE A 172 -15.40 12.34 -15.46
N GLY A 173 -14.93 13.21 -16.35
CA GLY A 173 -14.48 14.53 -16.00
C GLY A 173 -13.00 14.68 -15.73
N GLY A 174 -12.23 13.60 -15.81
CA GLY A 174 -10.84 13.62 -15.42
C GLY A 174 -9.86 13.82 -16.56
N ASP A 175 -8.70 14.40 -16.23
CA ASP A 175 -7.60 14.52 -17.19
C ASP A 175 -6.73 13.29 -17.04
N PRO A 176 -6.68 12.41 -18.04
CA PRO A 176 -5.75 11.27 -17.95
C PRO A 176 -4.30 11.70 -17.87
N GLY A 177 -4.00 12.93 -18.26
CA GLY A 177 -2.68 13.50 -18.15
C GLY A 177 -2.39 14.14 -16.81
N ASN A 178 -3.29 14.05 -15.84
CA ASN A 178 -3.02 14.51 -14.47
C ASN A 178 -3.51 13.45 -13.48
N VAL A 179 -2.93 12.26 -13.59
CA VAL A 179 -3.23 11.15 -12.67
C VAL A 179 -2.18 11.11 -11.58
N THR A 180 -2.63 11.18 -10.32
CA THR A 180 -1.78 10.89 -9.16
C THR A 180 -2.18 9.51 -8.66
N VAL A 181 -1.25 8.57 -8.70
CA VAL A 181 -1.49 7.28 -8.06
C VAL A 181 -1.06 7.40 -6.62
N PHE A 182 -1.82 6.80 -5.72
CA PHE A 182 -1.44 6.87 -4.31
C PHE A 182 -1.83 5.60 -3.60
N GLY A 183 -1.15 5.33 -2.51
CA GLY A 183 -1.45 4.12 -1.76
C GLY A 183 -0.75 4.15 -0.43
N GLU A 184 -1.12 3.21 0.42
CA GLU A 184 -0.54 3.10 1.75
C GLU A 184 -0.05 1.67 1.95
N SER A 185 1.09 1.55 2.64
CA SER A 185 1.67 0.24 2.96
C SER A 185 1.85 -0.55 1.67
N ALA A 186 1.27 -1.74 1.54
CA ALA A 186 1.44 -2.50 0.30
C ALA A 186 0.98 -1.72 -0.94
N GLY A 187 0.05 -0.77 -0.79
CA GLY A 187 -0.32 0.06 -1.93
C GLY A 187 0.78 1.02 -2.34
N ALA A 188 1.48 1.59 -1.36
CA ALA A 188 2.62 2.45 -1.66
C ALA A 188 3.79 1.63 -2.20
N MET A 189 4.02 0.46 -1.64
CA MET A 189 5.03 -0.44 -2.19
C MET A 189 4.70 -0.80 -3.63
N SER A 190 3.42 -1.00 -3.91
CA SER A 190 2.98 -1.25 -5.29
C SER A 190 3.30 -0.09 -6.21
N VAL A 191 3.05 1.15 -5.76
CA VAL A 191 3.40 2.32 -6.57
C VAL A 191 4.88 2.32 -6.90
N CYS A 192 5.74 2.05 -5.91
CA CYS A 192 7.17 1.99 -6.18
C CYS A 192 7.47 0.88 -7.17
N THR A 193 6.78 -0.25 -7.05
CA THR A 193 6.98 -1.34 -8.00
C THR A 193 6.58 -0.91 -9.40
N LEU A 194 5.46 -0.18 -9.52
CA LEU A 194 4.99 0.29 -10.82
C LEU A 194 5.99 1.27 -11.42
N MET A 195 6.61 2.10 -10.59
CA MET A 195 7.65 2.98 -11.11
C MET A 195 8.78 2.18 -11.74
N ALA A 196 9.06 0.99 -11.21
CA ALA A 196 10.18 0.15 -11.70
C ALA A 196 9.73 -0.83 -12.78
N THR A 197 8.49 -0.72 -13.24
CA THR A 197 7.91 -1.69 -14.20
C THR A 197 7.66 -0.98 -15.53
N PRO A 198 8.42 -1.31 -16.58
CA PRO A 198 8.19 -0.74 -17.91
C PRO A 198 6.75 -0.77 -18.40
N ARG A 199 6.03 -1.84 -18.06
CA ARG A 199 4.64 -2.01 -18.53
C ARG A 199 3.72 -0.92 -17.96
N ALA A 200 4.15 -0.24 -16.90
CA ALA A 200 3.34 0.84 -16.29
C ALA A 200 3.67 2.21 -16.85
N ARG A 201 4.46 2.26 -17.92
CA ARG A 201 4.92 3.53 -18.51
C ARG A 201 3.79 4.52 -18.77
N GLY A 202 3.93 5.75 -18.27
CA GLY A 202 2.99 6.85 -18.56
C GLY A 202 1.65 6.82 -17.88
N LEU A 203 1.43 5.87 -16.99
CA LEU A 203 0.08 5.71 -16.41
C LEU A 203 -0.14 6.66 -15.22
N PHE A 204 0.89 7.38 -14.79
CA PHE A 204 0.65 8.37 -13.74
C PHE A 204 1.68 9.47 -13.80
N ARG A 205 1.22 10.68 -13.53
CA ARG A 205 2.06 11.87 -13.51
C ARG A 205 2.69 12.12 -12.15
N ARG A 206 2.00 11.72 -11.08
CA ARG A 206 2.43 11.98 -9.72
C ARG A 206 2.16 10.75 -8.88
N ALA A 207 2.80 10.69 -7.71
CA ALA A 207 2.65 9.56 -6.81
C ALA A 207 2.68 10.05 -5.37
N ILE A 208 1.85 9.42 -4.54
CA ILE A 208 1.89 9.65 -3.06
C ILE A 208 2.16 8.31 -2.40
N LEU A 209 3.25 8.25 -1.66
CA LEU A 209 3.65 7.05 -0.93
C LEU A 209 3.38 7.26 0.55
N GLN A 210 2.36 6.58 1.07
CA GLN A 210 2.05 6.62 2.50
C GLN A 210 2.58 5.34 3.13
N SER A 211 3.67 5.45 3.88
CA SER A 211 4.21 4.30 4.62
C SER A 211 4.49 3.11 3.71
N GLY A 212 5.19 3.35 2.61
CA GLY A 212 5.71 2.24 1.83
C GLY A 212 6.74 2.70 0.82
N ALA A 213 7.74 1.86 0.60
CA ALA A 213 8.84 2.23 -0.27
C ALA A 213 9.17 1.08 -1.22
N GLY A 214 10.45 0.94 -1.58
CA GLY A 214 10.83 0.05 -2.66
C GLY A 214 11.52 -1.23 -2.25
N ASN A 215 11.38 -1.62 -0.98
CA ASN A 215 12.09 -2.75 -0.41
C ASN A 215 11.31 -4.05 -0.42
N MET A 216 10.04 -4.04 -0.79
CA MET A 216 9.17 -5.16 -0.47
C MET A 216 8.95 -5.97 -1.74
N ALA A 217 9.93 -6.83 -2.04
CA ALA A 217 9.88 -7.70 -3.20
C ALA A 217 10.53 -9.03 -2.84
N VAL A 218 10.03 -10.11 -3.44
CA VAL A 218 10.51 -11.46 -3.15
C VAL A 218 11.49 -11.88 -4.24
N ALA A 219 12.70 -12.29 -3.85
CA ALA A 219 13.64 -12.84 -4.82
C ALA A 219 13.03 -14.05 -5.51
N ALA A 220 13.30 -14.21 -6.81
CA ALA A 220 12.71 -15.31 -7.57
C ALA A 220 12.96 -16.66 -6.90
N GLU A 221 14.18 -16.89 -6.41
CA GLU A 221 14.46 -18.18 -5.79
C GLU A 221 13.65 -18.39 -4.51
N ASP A 222 13.37 -17.33 -3.76
CA ASP A 222 12.54 -17.47 -2.57
C ASP A 222 11.08 -17.69 -2.93
N ALA A 223 10.61 -17.05 -4.00
CA ALA A 223 9.24 -17.28 -4.42
C ALA A 223 9.03 -18.72 -4.85
N THR A 224 10.04 -19.30 -5.50
CA THR A 224 9.97 -20.71 -5.89
C THR A 224 9.87 -21.60 -4.65
N THR A 225 10.66 -21.30 -3.62
CA THR A 225 10.56 -22.07 -2.37
C THR A 225 9.18 -21.93 -1.76
N ILE A 226 8.64 -20.71 -1.73
CA ILE A 226 7.33 -20.47 -1.13
C ILE A 226 6.26 -21.26 -1.86
N ALA A 227 6.27 -21.22 -3.19
CA ALA A 227 5.29 -21.99 -3.95
C ALA A 227 5.44 -23.49 -3.73
N ALA A 228 6.67 -23.97 -3.59
CA ALA A 228 6.89 -25.39 -3.37
C ALA A 228 6.33 -25.83 -2.02
N VAL A 229 6.52 -25.02 -0.98
CA VAL A 229 5.95 -25.35 0.33
C VAL A 229 4.44 -25.32 0.27
N ILE A 230 3.86 -24.29 -0.35
CA ILE A 230 2.41 -24.20 -0.45
C ILE A 230 1.84 -25.44 -1.14
N ALA A 231 2.42 -25.81 -2.27
CA ALA A 231 1.90 -26.95 -3.03
C ALA A 231 2.05 -28.24 -2.25
N HIS A 232 3.17 -28.42 -1.56
CA HIS A 232 3.34 -29.62 -0.74
C HIS A 232 2.26 -29.72 0.32
N ARG A 233 1.94 -28.61 0.98
CA ARG A 233 0.92 -28.64 2.01
C ARG A 233 -0.47 -28.89 1.45
N LEU A 234 -0.70 -28.53 0.18
CA LEU A 234 -1.97 -28.79 -0.48
C LEU A 234 -2.01 -30.15 -1.16
N GLY A 235 -0.89 -30.87 -1.17
CA GLY A 235 -0.83 -32.17 -1.83
C GLY A 235 -0.96 -32.13 -3.34
N VAL A 236 -0.51 -31.06 -3.98
CA VAL A 236 -0.58 -30.90 -5.43
C VAL A 236 0.77 -30.39 -5.94
N GLU A 237 0.88 -30.26 -7.26
CA GLU A 237 2.13 -29.76 -7.80
C GLU A 237 2.18 -28.24 -7.73
N PRO A 238 3.37 -27.65 -7.68
CA PRO A 238 3.46 -26.18 -7.60
C PRO A 238 3.33 -25.51 -8.97
N THR A 239 2.12 -25.61 -9.51
CA THR A 239 1.80 -25.07 -10.82
C THR A 239 0.43 -24.42 -10.78
N ALA A 240 0.21 -23.48 -11.71
CA ALA A 240 -1.14 -22.97 -11.90
C ALA A 240 -2.08 -24.08 -12.35
N ALA A 241 -1.56 -25.02 -13.15
CA ALA A 241 -2.36 -26.15 -13.60
C ALA A 241 -2.97 -26.91 -12.42
N ALA A 242 -2.26 -26.99 -11.31
CA ALA A 242 -2.80 -27.65 -10.13
C ALA A 242 -3.60 -26.69 -9.24
N LEU A 243 -3.08 -25.49 -9.00
CA LEU A 243 -3.73 -24.60 -8.04
C LEU A 243 -5.05 -24.04 -8.57
N ALA A 244 -5.29 -24.09 -9.88
CA ALA A 244 -6.56 -23.65 -10.45
C ALA A 244 -7.76 -24.41 -9.90
N HIS A 245 -7.55 -25.59 -9.31
CA HIS A 245 -8.63 -26.49 -8.92
C HIS A 245 -8.80 -26.57 -7.42
N VAL A 246 -7.96 -25.89 -6.65
CA VAL A 246 -8.00 -25.98 -5.20
C VAL A 246 -9.11 -25.06 -4.68
N PRO A 247 -10.01 -25.55 -3.83
CA PRO A 247 -11.05 -24.67 -3.27
C PRO A 247 -10.40 -23.50 -2.54
N VAL A 248 -11.01 -22.32 -2.68
CA VAL A 248 -10.34 -21.11 -2.21
C VAL A 248 -10.12 -21.14 -0.71
N ALA A 249 -11.02 -21.76 0.06
CA ALA A 249 -10.81 -21.83 1.51
C ALA A 249 -9.52 -22.57 1.84
N GLN A 250 -9.20 -23.63 1.08
CA GLN A 250 -7.95 -24.35 1.29
C GLN A 250 -6.74 -23.49 0.90
N LEU A 251 -6.84 -22.76 -0.20
CA LEU A 251 -5.77 -21.82 -0.56
C LEU A 251 -5.53 -20.83 0.56
N LEU A 252 -6.59 -20.25 1.10
CA LEU A 252 -6.39 -19.18 2.12
C LEU A 252 -5.82 -19.75 3.42
N ASP A 253 -6.18 -20.99 3.75
CA ASP A 253 -5.67 -21.61 4.99
C ASP A 253 -4.16 -21.78 4.92
N VAL A 254 -3.68 -22.36 3.83
CA VAL A 254 -2.21 -22.55 3.66
C VAL A 254 -1.54 -21.18 3.57
N GLN A 255 -2.16 -20.26 2.87
CA GLN A 255 -1.59 -18.90 2.72
C GLN A 255 -1.39 -18.25 4.10
N GLN A 256 -2.40 -18.37 4.95
CA GLN A 256 -2.33 -17.68 6.26
C GLN A 256 -1.25 -18.34 7.12
N GLN A 257 -1.11 -19.65 7.03
CA GLN A 257 -0.06 -20.37 7.79
C GLN A 257 1.34 -19.98 7.29
N VAL A 258 1.52 -19.86 5.97
CA VAL A 258 2.81 -19.39 5.41
C VAL A 258 3.10 -17.97 5.93
N ALA A 259 2.10 -17.12 5.90
CA ALA A 259 2.29 -15.73 6.37
C ALA A 259 2.76 -15.73 7.83
N GLN A 260 2.11 -16.56 8.64
CA GLN A 260 2.45 -16.63 10.09
C GLN A 260 3.88 -17.14 10.26
N GLU A 261 4.25 -18.18 9.52
CA GLU A 261 5.60 -18.79 9.68
C GLU A 261 6.71 -17.82 9.24
N ILE A 262 6.49 -17.10 8.13
CA ILE A 262 7.52 -16.17 7.65
C ILE A 262 7.61 -14.95 8.55
N GLN A 263 6.51 -14.54 9.17
CA GLN A 263 6.57 -13.38 10.05
C GLN A 263 7.32 -13.70 11.34
N GLY A 264 7.25 -14.94 11.79
CA GLY A 264 7.98 -15.37 12.97
C GLY A 264 9.40 -15.83 12.65
N ALA A 265 9.73 -17.05 13.07
CA ALA A 265 11.06 -17.62 12.84
C ALA A 265 10.91 -18.86 11.98
N PRO A 266 11.13 -18.76 10.66
CA PRO A 266 10.90 -19.92 9.78
C PRO A 266 11.89 -21.04 10.07
N ASP A 267 11.38 -22.26 10.16
CA ASP A 267 12.22 -23.42 10.44
C ASP A 267 13.09 -23.70 9.22
N PRO A 268 14.42 -23.71 9.35
CA PRO A 268 15.27 -23.93 8.18
C PRO A 268 15.06 -25.28 7.50
N ALA A 269 14.59 -26.30 8.23
CA ALA A 269 14.35 -27.59 7.61
C ALA A 269 13.20 -27.51 6.61
N VAL A 270 12.26 -26.59 6.83
CA VAL A 270 11.14 -26.42 5.91
C VAL A 270 11.46 -25.39 4.84
N TRP A 271 12.11 -24.29 5.22
CA TRP A 271 12.18 -23.09 4.39
C TRP A 271 13.54 -22.83 3.77
N GLY A 272 14.59 -23.56 4.16
CA GLY A 272 15.92 -23.28 3.69
C GLY A 272 16.58 -22.17 4.50
N GLU A 273 17.88 -21.99 4.26
CA GLU A 273 18.66 -21.07 5.08
C GLU A 273 18.35 -19.60 4.76
N ARG A 274 18.18 -19.25 3.48
CA ARG A 274 17.88 -17.86 3.13
C ARG A 274 16.65 -17.37 3.87
N ILE A 275 15.54 -18.08 3.71
CA ILE A 275 14.29 -17.64 4.31
C ILE A 275 14.36 -17.70 5.83
N ALA A 276 14.99 -18.75 6.37
CA ALA A 276 15.14 -18.82 7.83
C ALA A 276 15.94 -17.64 8.37
N GLY A 277 16.88 -17.13 7.59
CA GLY A 277 17.66 -15.97 7.94
C GLY A 277 17.03 -14.63 7.60
N GLY A 278 15.77 -14.63 7.16
CA GLY A 278 15.04 -13.39 6.98
C GLY A 278 15.13 -12.76 5.60
N SER A 279 15.36 -13.55 4.55
CA SER A 279 15.46 -12.99 3.21
C SER A 279 14.11 -12.55 2.66
N VAL A 280 13.01 -12.93 3.28
CA VAL A 280 11.67 -12.57 2.84
C VAL A 280 11.01 -11.74 3.93
N LEU A 281 10.62 -10.50 3.59
CA LEU A 281 9.88 -9.66 4.51
C LEU A 281 8.38 -9.98 4.48
N LEU A 282 7.77 -9.90 3.30
CA LEU A 282 6.40 -10.32 3.09
C LEU A 282 6.39 -11.40 2.02
N PRO A 283 5.82 -12.58 2.30
CA PRO A 283 5.95 -13.71 1.36
C PRO A 283 5.06 -13.65 0.13
N PHE A 284 4.09 -12.74 0.08
CA PHE A 284 3.27 -12.56 -1.12
C PHE A 284 3.44 -11.18 -1.74
N ALA A 285 4.55 -10.50 -1.42
CA ALA A 285 4.92 -9.29 -2.12
C ALA A 285 5.30 -9.63 -3.56
N PRO A 286 5.39 -8.62 -4.43
CA PRO A 286 5.75 -8.87 -5.83
C PRO A 286 7.09 -9.59 -5.95
N VAL A 287 7.15 -10.54 -6.87
CA VAL A 287 8.35 -11.30 -7.14
C VAL A 287 9.23 -10.55 -8.14
N ILE A 288 10.53 -10.56 -7.89
CA ILE A 288 11.48 -10.06 -8.87
C ILE A 288 11.62 -11.13 -9.94
N ASP A 289 10.68 -11.14 -10.87
CA ASP A 289 10.55 -12.25 -11.81
C ASP A 289 11.55 -12.16 -12.96
N GLY A 290 12.05 -10.96 -13.26
CA GLY A 290 13.05 -10.75 -14.30
C GLY A 290 12.50 -10.11 -15.55
N GLU A 291 11.21 -10.29 -15.83
CA GLU A 291 10.63 -9.78 -17.10
C GLU A 291 9.68 -8.62 -16.78
N LEU A 292 8.71 -8.86 -15.92
CA LEU A 292 7.85 -7.76 -15.53
C LEU A 292 8.57 -6.83 -14.57
N LEU A 293 9.14 -7.38 -13.49
CA LEU A 293 9.93 -6.65 -12.51
C LEU A 293 11.36 -7.21 -12.54
N SER A 294 12.30 -6.40 -13.02
CA SER A 294 13.65 -6.92 -13.28
C SER A 294 14.59 -6.81 -12.09
N GLN A 295 14.31 -5.92 -11.15
CA GLN A 295 15.15 -5.77 -9.97
C GLN A 295 14.27 -5.22 -8.86
N ARG A 296 14.81 -5.21 -7.65
CA ARG A 296 14.06 -4.65 -6.54
C ARG A 296 13.73 -3.19 -6.82
N PRO A 297 12.52 -2.73 -6.53
CA PRO A 297 12.14 -1.36 -6.89
C PRO A 297 13.10 -0.31 -6.35
N ALA A 298 13.61 -0.48 -5.13
CA ALA A 298 14.55 0.49 -4.58
C ALA A 298 15.74 0.70 -5.51
N GLU A 299 16.29 -0.39 -6.05
CA GLU A 299 17.46 -0.25 -6.92
C GLU A 299 17.09 0.38 -8.25
N ALA A 300 15.91 0.05 -8.80
CA ALA A 300 15.46 0.71 -10.02
C ALA A 300 15.29 2.21 -9.80
N ILE A 301 14.70 2.59 -8.66
CA ILE A 301 14.49 4.01 -8.37
C ILE A 301 15.82 4.72 -8.15
N ALA A 302 16.78 4.05 -7.50
CA ALA A 302 18.10 4.63 -7.35
C ALA A 302 18.74 4.93 -8.69
N GLY A 303 18.43 4.14 -9.72
CA GLY A 303 18.92 4.36 -11.05
C GLY A 303 18.09 5.26 -11.92
N GLY A 304 17.02 5.86 -11.40
CA GLY A 304 16.25 6.84 -12.14
C GLY A 304 14.79 6.50 -12.36
N ALA A 305 14.31 5.31 -11.96
CA ALA A 305 12.92 4.96 -12.21
C ALA A 305 12.01 5.91 -11.45
N GLY A 306 11.02 6.46 -12.15
CA GLY A 306 10.07 7.37 -11.56
C GLY A 306 10.55 8.79 -11.36
N HIS A 307 11.77 9.12 -11.83
CA HIS A 307 12.29 10.46 -11.60
C HIS A 307 11.55 11.53 -12.37
N ASP A 308 10.71 11.14 -13.32
CA ASP A 308 9.84 12.05 -14.04
C ASP A 308 8.47 12.24 -13.38
N VAL A 309 8.24 11.56 -12.26
CA VAL A 309 6.96 11.56 -11.55
C VAL A 309 7.11 12.41 -10.30
N ASP A 310 6.24 13.40 -10.12
CA ASP A 310 6.24 14.16 -8.87
C ASP A 310 5.92 13.23 -7.71
N LEU A 311 6.59 13.46 -6.57
CA LEU A 311 6.48 12.54 -5.45
C LEU A 311 6.19 13.26 -4.15
N LEU A 312 5.16 12.80 -3.43
CA LEU A 312 4.93 13.13 -2.04
C LEU A 312 5.05 11.83 -1.27
N PHE A 313 5.88 11.80 -0.23
CA PHE A 313 6.11 10.58 0.53
C PHE A 313 6.09 10.89 2.01
N GLY A 314 5.79 9.87 2.82
CA GLY A 314 5.94 10.06 4.24
C GLY A 314 5.71 8.78 5.00
N THR A 315 5.89 8.88 6.31
CA THR A 315 5.73 7.78 7.23
C THR A 315 5.09 8.33 8.50
N THR A 316 4.62 7.42 9.35
CA THR A 316 4.14 7.78 10.68
C THR A 316 5.28 7.63 11.68
N THR A 317 5.19 8.39 12.78
CA THR A 317 6.32 8.45 13.70
C THR A 317 6.63 7.07 14.28
N ASP A 318 5.60 6.29 14.56
CA ASP A 318 5.71 5.05 15.33
C ASP A 318 5.20 3.85 14.55
N GLU A 319 5.47 3.81 13.24
CA GLU A 319 4.94 2.79 12.32
C GLU A 319 4.80 1.42 12.97
N TYR A 320 5.93 0.82 13.37
CA TYR A 320 5.92 -0.60 13.72
C TYR A 320 5.26 -0.91 15.06
N ARG A 321 4.90 0.10 15.85
CA ARG A 321 4.14 -0.20 17.07
C ARG A 321 2.81 -0.89 16.79
N LEU A 322 2.25 -0.70 15.58
CA LEU A 322 1.03 -1.43 15.23
C LEU A 322 1.21 -2.93 15.39
N PHE A 323 2.40 -3.44 15.06
CA PHE A 323 2.65 -4.87 15.03
C PHE A 323 3.19 -5.42 16.34
N LEU A 324 3.79 -4.57 17.19
CA LEU A 324 4.44 -5.05 18.40
C LEU A 324 3.73 -4.67 19.69
N ALA A 325 2.92 -3.62 19.67
CA ALA A 325 2.40 -3.04 20.91
C ALA A 325 1.01 -3.46 21.37
N PRO A 326 0.06 -3.77 20.49
CA PRO A 326 -1.35 -3.79 20.95
C PRO A 326 -1.72 -4.90 21.92
N THR A 327 -0.91 -5.95 22.07
CA THR A 327 -1.25 -7.00 23.02
C THR A 327 -0.55 -6.86 24.36
N GLY A 328 0.16 -5.75 24.58
CA GLY A 328 0.74 -5.46 25.87
C GLY A 328 2.03 -6.18 26.18
N LEU A 329 2.67 -6.76 25.16
CA LEU A 329 3.83 -7.62 25.36
C LEU A 329 5.15 -6.90 25.14
N LEU A 330 5.12 -5.66 24.63
CA LEU A 330 6.34 -4.87 24.50
C LEU A 330 7.21 -4.85 25.75
N PRO A 331 6.68 -4.71 26.97
CA PRO A 331 7.58 -4.64 28.14
C PRO A 331 8.41 -5.88 28.40
N PHE A 332 8.07 -7.02 27.81
CA PHE A 332 8.87 -8.22 28.02
C PHE A 332 10.10 -8.28 27.13
N ILE A 333 10.19 -7.47 26.08
CA ILE A 333 11.33 -7.53 25.18
C ILE A 333 12.58 -7.08 25.92
N THR A 334 13.70 -7.77 25.66
CA THR A 334 14.93 -7.55 26.41
C THR A 334 15.96 -6.80 25.59
N SER A 335 16.90 -6.17 26.31
CA SER A 335 18.04 -5.51 25.66
C SER A 335 18.84 -6.49 24.81
N ASP A 336 19.05 -7.71 25.30
CA ASP A 336 19.86 -8.63 24.52
C ASP A 336 19.17 -9.03 23.22
N TYR A 337 17.84 -9.08 23.20
CA TYR A 337 17.14 -9.32 21.94
C TYR A 337 17.35 -8.16 20.97
N VAL A 338 17.25 -6.94 21.48
CA VAL A 338 17.50 -5.75 20.65
C VAL A 338 18.92 -5.78 20.11
N THR A 339 19.90 -6.12 20.95
CA THR A 339 21.27 -6.18 20.49
C THR A 339 21.44 -7.21 19.39
N ALA A 340 20.84 -8.40 19.56
CA ALA A 340 20.89 -9.42 18.52
C ALA A 340 20.24 -8.92 17.23
N HIS A 341 19.15 -8.16 17.36
CA HIS A 341 18.47 -7.64 16.19
C HIS A 341 19.37 -6.64 15.46
N LEU A 342 19.97 -5.72 16.21
CA LEU A 342 20.92 -4.77 15.61
C LEU A 342 22.09 -5.48 14.95
N ALA A 343 22.56 -6.59 15.55
CA ALA A 343 23.68 -7.33 14.97
C ALA A 343 23.33 -7.93 13.62
N LYS A 344 22.07 -8.30 13.40
CA LYS A 344 21.67 -8.82 12.10
C LYS A 344 21.92 -7.81 10.98
N SER A 345 21.90 -6.52 11.32
CA SER A 345 22.20 -5.46 10.37
C SER A 345 23.65 -4.99 10.46
N GLY A 346 24.48 -5.65 11.26
CA GLY A 346 25.85 -5.23 11.41
C GLY A 346 26.07 -4.04 12.33
N LEU A 347 25.08 -3.66 13.12
CA LEU A 347 25.20 -2.54 14.03
C LEU A 347 25.54 -3.05 15.43
N ASP A 348 26.22 -2.19 16.20
CA ASP A 348 26.65 -2.53 17.55
C ASP A 348 25.52 -2.30 18.55
N ALA A 349 25.69 -2.85 19.75
CA ALA A 349 24.66 -2.72 20.78
C ALA A 349 24.40 -1.27 21.15
N ASP A 350 25.42 -0.41 21.09
CA ASP A 350 25.23 0.96 21.52
C ASP A 350 24.39 1.78 20.55
N ALA A 351 24.04 1.22 19.39
CA ALA A 351 23.08 1.90 18.52
C ALA A 351 21.76 2.13 19.24
N ALA A 352 21.39 1.26 20.18
CA ALA A 352 20.18 1.48 20.94
C ALA A 352 20.21 2.80 21.71
N LYS A 353 21.40 3.23 22.16
CA LYS A 353 21.50 4.47 22.91
C LYS A 353 21.17 5.69 22.06
N ALA A 354 21.43 5.61 20.74
CA ALA A 354 21.03 6.72 19.86
C ALA A 354 19.53 6.87 19.82
N TYR A 355 18.79 5.76 19.80
CA TYR A 355 17.34 5.82 19.85
C TYR A 355 16.87 6.49 21.14
N THR A 356 17.45 6.09 22.26
CA THR A 356 17.03 6.67 23.53
C THR A 356 17.35 8.17 23.57
N ALA A 357 18.53 8.55 23.08
CA ALA A 357 18.91 9.97 23.09
C ALA A 357 17.97 10.82 22.26
N GLU A 358 17.36 10.26 21.23
CA GLU A 358 16.43 11.00 20.38
C GLU A 358 14.97 10.85 20.82
N GLY A 359 14.72 10.27 21.99
CA GLY A 359 13.35 10.17 22.47
C GLY A 359 12.56 9.10 21.77
N ARG A 360 13.23 8.07 21.23
CA ARG A 360 12.60 7.02 20.46
C ARG A 360 12.53 5.71 21.24
N GLY A 361 12.59 5.79 22.56
CA GLY A 361 12.41 4.62 23.39
C GLY A 361 13.44 4.49 24.49
N GLU A 362 12.98 4.26 25.71
CA GLU A 362 13.90 3.94 26.81
C GLU A 362 13.96 2.45 27.08
N GLU A 363 12.82 1.77 27.01
CA GLU A 363 12.75 0.34 27.25
C GLU A 363 13.04 -0.43 25.96
N PRO A 364 13.59 -1.64 26.06
CA PRO A 364 14.00 -2.37 24.85
C PRO A 364 12.90 -2.52 23.82
N GLY A 365 11.67 -2.81 24.24
CA GLY A 365 10.61 -3.02 23.26
C GLY A 365 10.29 -1.75 22.49
N ASP A 366 10.30 -0.60 23.17
CA ASP A 366 10.07 0.67 22.49
C ASP A 366 11.18 0.95 21.49
N ILE A 367 12.43 0.70 21.88
CA ILE A 367 13.56 0.86 20.98
C ILE A 367 13.45 -0.06 19.79
N LEU A 368 13.08 -1.32 20.01
CA LEU A 368 12.92 -2.26 18.90
C LEU A 368 11.87 -1.75 17.91
N ALA A 369 10.75 -1.24 18.41
CA ALA A 369 9.71 -0.74 17.49
C ALA A 369 10.26 0.40 16.64
N SER A 370 11.08 1.27 17.23
CA SER A 370 11.66 2.38 16.48
C SER A 370 12.68 1.89 15.47
N ILE A 371 13.52 0.92 15.85
CA ILE A 371 14.48 0.37 14.92
C ILE A 371 13.77 -0.21 13.71
N ILE A 372 12.73 -1.02 13.94
CA ILE A 372 12.06 -1.68 12.82
C ILE A 372 11.29 -0.66 11.98
N THR A 373 10.71 0.36 12.62
CA THR A 373 10.16 1.48 11.87
C THR A 373 11.19 2.04 10.90
N ASP A 374 12.43 2.22 11.36
CA ASP A 374 13.47 2.75 10.48
C ASP A 374 13.82 1.76 9.38
N GLN A 375 13.99 0.49 9.73
CA GLN A 375 14.46 -0.50 8.76
C GLN A 375 13.43 -0.72 7.66
N VAL A 376 12.15 -0.78 8.03
CA VAL A 376 11.11 -1.19 7.10
C VAL A 376 10.50 0.01 6.37
N PHE A 377 10.39 1.15 7.06
CA PHE A 377 9.64 2.28 6.52
C PHE A 377 10.48 3.53 6.35
N ARG A 378 11.08 4.06 7.43
CA ARG A 378 11.64 5.41 7.34
C ARG A 378 12.89 5.47 6.46
N ILE A 379 13.84 4.56 6.66
CA ILE A 379 15.07 4.61 5.88
C ILE A 379 14.79 4.27 4.43
N PRO A 380 14.01 3.23 4.11
CA PRO A 380 13.67 3.00 2.70
C PRO A 380 12.99 4.20 2.05
N ALA A 381 12.13 4.92 2.77
CA ALA A 381 11.51 6.10 2.19
C ALA A 381 12.54 7.19 1.93
N LEU A 382 13.44 7.41 2.88
CA LEU A 382 14.48 8.43 2.71
C LEU A 382 15.43 8.08 1.58
N ARG A 383 15.73 6.79 1.40
CA ARG A 383 16.62 6.37 0.30
C ARG A 383 16.02 6.73 -1.05
N ILE A 384 14.71 6.57 -1.21
CA ILE A 384 14.06 6.98 -2.45
C ILE A 384 14.21 8.48 -2.64
N ALA A 385 13.93 9.24 -1.58
CA ALA A 385 14.05 10.69 -1.67
C ALA A 385 15.48 11.11 -2.03
N GLU A 386 16.47 10.50 -1.38
CA GLU A 386 17.87 10.83 -1.66
C GLU A 386 18.22 10.50 -3.10
N SER A 387 17.70 9.38 -3.61
CA SER A 387 17.96 8.97 -4.99
C SER A 387 17.48 10.02 -5.98
N ARG A 388 16.47 10.81 -5.59
CA ARG A 388 15.82 11.76 -6.47
C ARG A 388 16.43 13.15 -6.41
N VAL A 389 17.64 13.29 -5.83
CA VAL A 389 18.22 14.61 -5.63
C VAL A 389 18.32 15.39 -6.94
N ASP A 390 18.60 14.70 -8.05
CA ASP A 390 18.73 15.36 -9.34
C ASP A 390 17.54 15.09 -10.26
N ALA A 391 16.45 14.54 -9.73
CA ALA A 391 15.29 14.24 -10.55
C ALA A 391 14.66 15.53 -11.09
N PRO A 392 14.17 15.51 -12.33
CA PRO A 392 13.48 16.70 -12.86
C PRO A 392 12.18 16.98 -12.15
N ALA A 393 11.48 15.95 -11.67
CA ALA A 393 10.23 16.13 -10.97
C ALA A 393 10.49 16.53 -9.52
N ARG A 394 9.44 16.96 -8.84
CA ARG A 394 9.58 17.47 -7.48
C ARG A 394 9.39 16.36 -6.45
N THR A 395 9.92 16.59 -5.25
CA THR A 395 9.81 15.65 -4.14
C THR A 395 9.47 16.42 -2.87
N PHE A 396 8.45 15.94 -2.15
CA PHE A 396 8.02 16.52 -0.88
C PHE A 396 7.81 15.40 0.11
N GLY A 397 8.06 15.68 1.40
CA GLY A 397 7.92 14.68 2.43
C GLY A 397 7.08 15.14 3.60
N TYR A 398 6.52 14.15 4.30
CA TYR A 398 5.74 14.41 5.51
C TYR A 398 6.09 13.37 6.56
N GLU A 399 5.82 13.74 7.82
CA GLU A 399 5.80 12.81 8.93
C GLU A 399 4.44 12.94 9.60
N PHE A 400 3.71 11.85 9.72
CA PHE A 400 2.42 11.89 10.39
C PHE A 400 2.63 11.52 11.86
N ALA A 401 2.51 12.51 12.74
CA ALA A 401 2.91 12.36 14.13
C ALA A 401 1.75 12.26 15.10
N TRP A 402 0.51 12.41 14.65
CA TRP A 402 -0.61 12.34 15.58
C TRP A 402 -0.78 10.93 16.12
N ARG A 403 -0.96 10.86 17.43
CA ARG A 403 -1.01 9.55 18.12
C ARG A 403 -2.46 9.14 18.37
N THR A 404 -2.75 7.88 18.09
CA THR A 404 -4.11 7.44 18.40
C THR A 404 -4.24 7.15 19.89
N PRO A 405 -5.41 7.42 20.46
CA PRO A 405 -5.64 7.16 21.89
C PRO A 405 -6.06 5.74 22.22
N GLN A 406 -6.20 4.86 21.23
CA GLN A 406 -6.67 3.52 21.53
C GLN A 406 -5.68 2.81 22.44
N LEU A 407 -6.20 1.89 23.24
CA LEU A 407 -5.36 1.06 24.11
C LEU A 407 -4.43 1.92 24.97
N ASP A 408 -5.01 2.95 25.59
CA ASP A 408 -4.28 3.83 26.51
C ASP A 408 -3.10 4.51 25.84
N GLY A 409 -3.16 4.69 24.52
CA GLY A 409 -2.13 5.42 23.82
C GLY A 409 -0.91 4.61 23.41
N ILE A 410 -0.92 3.30 23.67
CA ILE A 410 0.27 2.47 23.49
C ILE A 410 0.73 2.37 22.03
N LEU A 411 -0.14 2.68 21.08
CA LEU A 411 0.24 2.55 19.67
C LEU A 411 1.00 3.76 19.15
N GLY A 412 0.86 4.91 19.80
CA GLY A 412 1.46 6.12 19.25
C GLY A 412 0.89 6.44 17.87
N ALA A 413 1.74 7.03 17.04
CA ALA A 413 1.40 7.34 15.66
C ALA A 413 1.77 6.10 14.84
N CYS A 414 0.94 5.07 14.95
CA CYS A 414 1.29 3.78 14.40
C CYS A 414 0.95 3.70 12.90
N HIS A 415 1.45 2.64 12.28
CA HIS A 415 1.13 2.33 10.89
C HIS A 415 -0.38 2.40 10.67
N ALA A 416 -0.77 2.98 9.54
CA ALA A 416 -2.14 3.13 9.04
C ALA A 416 -2.90 4.30 9.65
N VAL A 417 -2.37 4.97 10.67
CA VAL A 417 -3.16 5.96 11.42
C VAL A 417 -3.56 7.15 10.55
N GLU A 418 -2.76 7.47 9.52
CA GLU A 418 -3.09 8.64 8.71
C GLU A 418 -4.27 8.41 7.77
N LEU A 419 -4.65 7.16 7.51
CA LEU A 419 -5.62 6.85 6.46
C LEU A 419 -6.91 7.65 6.53
N PRO A 420 -7.65 7.65 7.64
CA PRO A 420 -8.93 8.39 7.66
C PRO A 420 -8.73 9.89 7.63
N PHE A 421 -7.54 10.39 7.98
CA PHE A 421 -7.27 11.82 7.82
C PHE A 421 -7.14 12.20 6.35
N VAL A 422 -6.45 11.37 5.56
CA VAL A 422 -6.34 11.60 4.12
C VAL A 422 -7.71 11.61 3.46
N PHE A 423 -8.58 10.68 3.85
CA PHE A 423 -9.86 10.48 3.19
C PHE A 423 -11.00 11.28 3.82
N ARG A 424 -10.79 11.91 4.97
CA ARG A 424 -11.86 12.53 5.75
C ARG A 424 -12.96 11.50 6.07
N THR A 425 -12.52 10.35 6.57
CA THR A 425 -13.39 9.25 6.96
C THR A 425 -13.15 8.86 8.42
N LEU A 426 -12.86 9.85 9.27
CA LEU A 426 -12.58 9.58 10.67
C LEU A 426 -13.69 8.80 11.35
N ASP A 427 -14.96 9.09 11.00
CA ASP A 427 -16.08 8.42 11.64
C ASP A 427 -16.20 6.97 11.21
N ARG A 428 -15.44 6.53 10.21
CA ARG A 428 -15.43 5.15 9.76
C ARG A 428 -14.23 4.39 10.27
N ALA A 429 -13.34 5.03 11.02
CA ALA A 429 -12.09 4.39 11.40
C ALA A 429 -11.87 4.42 12.90
N ALA A 430 -12.95 4.50 13.67
CA ALA A 430 -12.81 4.63 15.13
C ALA A 430 -12.08 3.46 15.76
N SER A 431 -12.16 2.27 15.16
CA SER A 431 -11.42 1.14 15.70
C SER A 431 -9.92 1.46 15.82
N LEU A 432 -9.40 2.26 14.88
CA LEU A 432 -7.99 2.60 14.92
C LEU A 432 -7.71 3.95 15.56
N VAL A 433 -8.57 4.95 15.38
CA VAL A 433 -8.26 6.32 15.79
C VAL A 433 -9.08 6.80 16.97
N GLY A 434 -10.00 5.99 17.50
CA GLY A 434 -10.79 6.41 18.64
C GLY A 434 -12.01 7.24 18.26
N THR A 435 -12.70 7.71 19.29
CA THR A 435 -14.04 8.27 19.10
C THR A 435 -14.03 9.73 18.66
N ASN A 436 -13.04 10.51 19.09
CA ASN A 436 -13.05 11.97 18.92
C ASN A 436 -11.74 12.45 18.29
N PRO A 437 -11.35 11.94 17.13
CA PRO A 437 -10.14 12.44 16.48
C PRO A 437 -10.39 13.81 15.88
N PRO A 438 -9.34 14.59 15.67
CA PRO A 438 -9.52 15.99 15.23
C PRO A 438 -9.83 16.14 13.76
N GLU A 439 -11.07 16.54 13.47
CA GLU A 439 -11.46 16.81 12.08
C GLU A 439 -10.58 17.88 11.43
N GLU A 440 -10.10 18.84 12.20
CA GLU A 440 -9.21 19.89 11.63
C GLU A 440 -7.97 19.25 10.97
N LEU A 441 -7.41 18.22 11.60
CA LEU A 441 -6.24 17.57 11.02
C LEU A 441 -6.60 16.83 9.74
N ALA A 442 -7.77 16.18 9.70
CA ALA A 442 -8.21 15.57 8.45
C ALA A 442 -8.35 16.62 7.35
N GLU A 443 -8.91 17.78 7.68
CA GLU A 443 -9.00 18.86 6.69
C GLU A 443 -7.61 19.26 6.20
N THR A 444 -6.66 19.43 7.12
CA THR A 444 -5.31 19.82 6.75
C THR A 444 -4.66 18.79 5.84
N VAL A 445 -4.69 17.52 6.22
CA VAL A 445 -4.02 16.48 5.46
C VAL A 445 -4.71 16.28 4.11
N HIS A 446 -6.03 16.10 4.12
CA HIS A 446 -6.77 15.89 2.89
C HIS A 446 -6.56 17.03 1.91
N ASN A 447 -6.59 18.28 2.41
CA ASN A 447 -6.42 19.42 1.51
C ASN A 447 -5.02 19.45 0.90
N ALA A 448 -4.00 19.01 1.65
CA ALA A 448 -2.66 18.93 1.08
C ALA A 448 -2.59 17.89 -0.03
N TRP A 449 -3.26 16.75 0.16
CA TRP A 449 -3.29 15.73 -0.89
C TRP A 449 -3.98 16.26 -2.13
N VAL A 450 -5.09 16.99 -1.96
CA VAL A 450 -5.79 17.57 -3.09
C VAL A 450 -4.90 18.57 -3.81
N ARG A 451 -4.18 19.41 -3.07
CA ARG A 451 -3.29 20.39 -3.68
C ARG A 451 -2.19 19.68 -4.45
N PHE A 452 -1.63 18.61 -3.90
CA PHE A 452 -0.58 17.89 -4.59
C PHE A 452 -1.09 17.26 -5.88
N ALA A 453 -2.25 16.60 -5.83
CA ALA A 453 -2.81 16.05 -7.06
C ALA A 453 -3.06 17.14 -8.08
N THR A 454 -3.52 18.30 -7.62
CA THR A 454 -3.89 19.38 -8.53
C THR A 454 -2.68 19.97 -9.22
N SER A 455 -1.60 20.21 -8.49
CA SER A 455 -0.51 21.05 -8.95
C SER A 455 0.87 20.41 -8.79
N GLY A 456 0.98 19.29 -8.11
CA GLY A 456 2.29 18.73 -7.82
C GLY A 456 3.02 19.36 -6.67
N ASP A 457 2.35 20.21 -5.88
CA ASP A 457 2.92 20.90 -4.72
C ASP A 457 1.91 20.83 -3.59
N PRO A 458 2.23 20.16 -2.49
CA PRO A 458 1.27 20.04 -1.39
C PRO A 458 1.12 21.32 -0.59
N GLY A 459 1.96 22.31 -0.84
CA GLY A 459 1.87 23.57 -0.14
C GLY A 459 2.91 23.79 0.93
N TRP A 460 4.08 23.19 0.80
CA TRP A 460 5.17 23.39 1.76
C TRP A 460 6.48 23.12 1.05
N PRO A 461 7.61 23.49 1.65
CA PRO A 461 8.88 23.42 0.92
C PRO A 461 9.27 22.01 0.52
N ALA A 462 9.89 21.91 -0.66
CA ALA A 462 10.31 20.64 -1.22
C ALA A 462 11.40 19.98 -0.37
N TRP A 463 11.44 18.66 -0.46
CA TRP A 463 12.46 17.88 0.24
C TRP A 463 13.75 17.85 -0.57
N ASN A 464 14.87 17.98 0.12
CA ASN A 464 16.17 17.80 -0.50
C ASN A 464 17.14 17.33 0.57
N PRO A 465 18.32 16.82 0.17
CA PRO A 465 19.29 16.35 1.17
C PRO A 465 19.99 17.46 1.95
N GLU A 466 19.81 18.73 1.60
CA GLU A 466 20.45 19.82 2.33
C GLU A 466 19.79 20.01 3.69
N THR A 467 18.49 20.27 3.70
CA THR A 467 17.76 20.52 4.94
C THR A 467 16.82 19.39 5.33
N ARG A 468 16.51 18.48 4.40
CA ARG A 468 15.73 17.28 4.70
C ARG A 468 14.41 17.65 5.38
N SER A 469 13.71 18.61 4.78
CA SER A 469 12.55 19.24 5.39
C SER A 469 11.29 18.44 5.09
N VAL A 470 10.48 18.20 6.13
CA VAL A 470 9.20 17.51 5.99
C VAL A 470 8.13 18.25 6.79
N MET A 471 6.89 18.16 6.33
CA MET A 471 5.74 18.63 7.10
C MET A 471 5.41 17.59 8.17
N ARG A 472 5.46 18.01 9.41
CA ARG A 472 5.08 17.12 10.53
C ARG A 472 3.65 17.43 10.93
N PHE A 473 2.77 16.53 10.54
CA PHE A 473 1.36 16.68 10.82
C PHE A 473 1.06 16.26 12.25
N ASP A 474 0.33 17.11 12.96
CA ASP A 474 -0.11 16.77 14.32
C ASP A 474 -1.26 17.72 14.66
N HIS A 475 -1.86 17.52 15.82
CA HIS A 475 -2.91 18.43 16.31
C HIS A 475 -2.58 18.80 17.75
N PRO A 476 -2.60 20.08 18.16
CA PRO A 476 -3.13 21.20 17.37
C PRO A 476 -2.20 21.79 16.30
N VAL A 477 -0.93 21.48 16.41
CA VAL A 477 0.03 22.06 15.43
C VAL A 477 0.67 21.13 14.43
N SER A 478 0.52 21.52 13.18
CA SER A 478 1.27 20.88 12.07
C SER A 478 2.30 21.91 11.59
N GLU A 479 3.51 21.46 11.39
CA GLU A 479 4.55 22.44 11.03
C GLU A 479 5.73 21.71 10.42
N MET A 480 6.52 22.47 9.65
CA MET A 480 7.74 21.93 9.05
C MET A 480 8.79 21.63 10.13
N VAL A 481 9.56 20.57 9.88
CA VAL A 481 10.73 20.22 10.67
C VAL A 481 11.86 19.88 9.70
N THR A 482 13.09 19.99 10.16
CA THR A 482 14.25 19.66 9.35
C THR A 482 14.99 18.47 9.93
N ASP A 483 15.44 17.56 9.05
CA ASP A 483 16.19 16.34 9.35
C ASP A 483 15.83 15.81 10.72
N PRO A 484 14.60 15.35 10.91
CA PRO A 484 14.24 14.75 12.19
C PRO A 484 15.00 13.46 12.37
N TYR A 485 15.31 13.19 13.63
CA TYR A 485 16.01 11.98 14.05
C TYR A 485 17.32 11.75 13.28
N PRO A 486 18.23 12.72 13.28
CA PRO A 486 19.43 12.59 12.43
C PRO A 486 20.44 11.57 12.91
N ALA A 487 20.57 11.35 14.22
CA ALA A 487 21.57 10.41 14.69
C ALA A 487 21.13 8.97 14.41
N THR A 488 19.86 8.65 14.66
CA THR A 488 19.39 7.33 14.28
C THR A 488 19.38 7.15 12.77
N ARG A 489 19.14 8.22 12.00
CA ARG A 489 19.23 8.08 10.55
C ARG A 489 20.62 7.67 10.12
N ALA A 490 21.65 8.34 10.67
CA ALA A 490 23.02 8.10 10.25
C ALA A 490 23.50 6.70 10.57
N LEU A 491 22.87 6.02 11.53
CA LEU A 491 23.28 4.64 11.86
C LEU A 491 23.19 3.74 10.64
N TRP A 492 22.30 4.02 9.70
CA TRP A 492 21.98 3.10 8.63
C TRP A 492 22.78 3.34 7.36
N ASP A 493 23.76 4.23 7.40
CA ASP A 493 24.47 4.66 6.19
C ASP A 493 25.04 3.49 5.40
N GLY A 494 25.61 2.49 6.07
CA GLY A 494 26.25 1.41 5.36
C GLY A 494 25.60 0.04 5.46
N VAL A 495 24.32 0.00 5.82
CA VAL A 495 23.65 -1.27 6.10
C VAL A 495 23.12 -1.89 4.81
N PRO A 496 23.41 -3.19 4.55
CA PRO A 496 22.94 -3.95 3.38
C PRO A 496 21.44 -3.81 3.15
#